data_4ZGF
#
_entry.id   4ZGF
#
_cell.length_a   31.747
_cell.length_b   55.486
_cell.length_c   76.176
_cell.angle_alpha   90.000
_cell.angle_beta   90.000
_cell.angle_gamma   90.000
#
_symmetry.space_group_name_H-M   'P 21 21 21'
#
loop_
_entity.id
_entity.type
_entity.pdbx_description
1 polymer 'Uncharacterized protein'
2 non-polymer 'CALCIUM ION'
3 non-polymer 'HEXAETHYLENE GLYCOL'
4 non-polymer 'ACETATE ION'
5 non-polymer 'BENZOIC ACID'
6 water water
#
_entity_poly.entity_id   1
_entity_poly.type   'polypeptide(L)'
_entity_poly.pdbx_seq_one_letter_code
;GVEEIFASGTWHVVDFYGKANWDKRNGEPKYNA(MSE)AHNPDKTIATEGRKALDIIHGFNITFKADGTFTGSIQNGTIE
GTWQADGKDRTVNINFTKTPPSTSYNNEFIEALNNAIFYQGDSNVLLLAPEGKKTYIQFAHNKQD
;
_entity_poly.pdbx_strand_id   A
#
# COMPACT_ATOMS: atom_id res chain seq x y z
N GLY A 1 9.10 14.68 12.08
CA GLY A 1 9.80 13.42 11.85
C GLY A 1 8.90 12.41 11.21
N VAL A 2 9.33 11.17 11.25
CA VAL A 2 8.61 10.12 10.51
C VAL A 2 7.21 9.88 11.05
N GLU A 3 7.00 10.07 12.35
CA GLU A 3 5.69 9.84 12.94
C GLU A 3 4.65 10.79 12.38
N GLU A 4 5.06 11.99 11.95
N GLU A 4 5.07 12.00 11.99
CA GLU A 4 4.14 12.95 11.41
CA GLU A 4 4.21 12.99 11.34
C GLU A 4 3.49 12.47 10.12
C GLU A 4 3.48 12.45 10.11
N ILE A 5 4.16 11.59 9.34
CA ILE A 5 3.50 10.97 8.17
CA ILE A 5 3.50 10.95 8.16
C ILE A 5 2.94 9.58 8.48
N PHE A 6 3.73 8.71 9.09
CA PHE A 6 3.25 7.32 9.29
C PHE A 6 2.09 7.24 10.28
N ALA A 7 2.21 7.92 11.44
CA ALA A 7 1.25 7.75 12.53
C ALA A 7 0.20 8.87 12.52
N SER A 8 -0.36 9.13 11.35
CA SER A 8 -1.26 10.23 11.08
C SER A 8 -2.70 9.83 10.86
N GLY A 9 -3.06 8.65 11.31
CA GLY A 9 -4.42 8.13 11.10
C GLY A 9 -4.38 6.89 10.21
N THR A 10 -5.50 6.17 10.17
N THR A 10 -5.50 6.19 10.14
CA THR A 10 -5.64 4.99 9.35
CA THR A 10 -5.59 5.01 9.32
C THR A 10 -5.23 5.30 7.91
C THR A 10 -5.24 5.31 7.87
N TRP A 11 -4.48 4.39 7.28
CA TRP A 11 -4.14 4.43 5.88
C TRP A 11 -4.89 3.32 5.14
N HIS A 12 -5.59 3.70 4.07
CA HIS A 12 -6.43 2.82 3.28
C HIS A 12 -5.84 2.67 1.88
N VAL A 13 -5.85 1.45 1.33
CA VAL A 13 -5.23 1.25 0.01
C VAL A 13 -6.03 1.96 -1.09
N VAL A 14 -5.26 2.66 -1.93
CA VAL A 14 -5.76 3.24 -3.19
C VAL A 14 -5.53 2.24 -4.32
N ASP A 15 -4.27 1.92 -4.61
CA ASP A 15 -3.96 0.94 -5.67
C ASP A 15 -2.47 0.59 -5.55
N PHE A 16 -2.12 -0.40 -6.36
CA PHE A 16 -0.73 -0.76 -6.65
C PHE A 16 -0.35 -0.10 -7.95
N TYR A 17 0.85 0.47 -8.03
CA TYR A 17 1.26 1.25 -9.19
C TYR A 17 2.48 0.63 -9.83
N GLY A 18 2.49 0.57 -11.15
CA GLY A 18 3.62 0.08 -11.91
C GLY A 18 4.15 1.12 -12.85
N LYS A 19 5.23 0.79 -13.55
N LYS A 19 5.25 0.74 -13.50
CA LYS A 19 5.87 1.73 -14.49
CA LYS A 19 6.02 1.60 -14.40
C LYS A 19 6.13 3.05 -13.77
C LYS A 19 6.15 2.98 -13.78
N ALA A 20 6.65 2.98 -12.55
CA ALA A 20 6.71 4.19 -11.76
C ALA A 20 7.78 5.15 -12.23
N ASN A 21 7.51 6.42 -12.00
CA ASN A 21 8.52 7.50 -12.03
C ASN A 21 8.55 8.03 -10.61
N TRP A 22 9.36 7.39 -9.77
CA TRP A 22 9.34 7.66 -8.34
C TRP A 22 9.65 9.10 -8.00
N ASP A 23 10.65 9.65 -8.72
N ASP A 23 10.57 9.75 -8.71
CA ASP A 23 11.07 11.05 -8.57
CA ASP A 23 10.86 11.12 -8.29
C ASP A 23 9.83 11.96 -8.58
C ASP A 23 9.71 12.07 -8.55
N LYS A 24 8.87 11.67 -9.47
N LYS A 24 8.85 11.70 -9.48
CA LYS A 24 7.70 12.51 -9.75
CA LYS A 24 7.67 12.49 -9.80
C LYS A 24 6.40 11.92 -9.18
C LYS A 24 6.39 11.92 -9.19
N ARG A 25 6.50 10.96 -8.28
CA ARG A 25 5.31 10.34 -7.61
C ARG A 25 4.23 9.99 -8.60
N ASN A 26 4.61 9.32 -9.67
CA ASN A 26 3.66 8.94 -10.70
C ASN A 26 3.89 7.51 -11.11
N GLY A 27 2.88 6.92 -11.70
CA GLY A 27 2.86 5.54 -12.11
C GLY A 27 1.49 5.14 -12.60
N GLU A 28 1.36 3.87 -12.99
N GLU A 28 1.37 3.89 -13.01
CA GLU A 28 0.13 3.38 -13.59
CA GLU A 28 0.16 3.38 -13.63
C GLU A 28 -0.65 2.57 -12.55
C GLU A 28 -0.64 2.56 -12.58
N PRO A 29 -1.88 2.97 -12.22
CA PRO A 29 -2.64 2.26 -11.17
C PRO A 29 -3.16 0.94 -11.70
N LYS A 30 -2.70 -0.19 -11.13
CA LYS A 30 -2.93 -1.50 -11.68
C LYS A 30 -4.41 -1.88 -11.75
N TYR A 31 -5.10 -1.81 -10.62
CA TYR A 31 -6.48 -2.34 -10.60
C TYR A 31 -7.47 -1.34 -11.17
N ASN A 32 -7.23 -0.03 -11.02
CA ASN A 32 -8.07 0.93 -11.72
C ASN A 32 -7.90 0.79 -13.24
N ALA A 33 -6.66 0.54 -13.70
CA ALA A 33 -6.47 0.27 -15.15
C ALA A 33 -7.18 -1.00 -15.53
N ALA A 35 -9.83 -2.37 -14.29
CA ALA A 35 -11.27 -2.12 -14.33
C ALA A 35 -11.70 -1.35 -15.57
N HIS A 36 -10.75 -0.74 -16.29
CA HIS A 36 -11.01 -0.06 -17.55
C HIS A 36 -10.45 -0.79 -18.77
N ASN A 37 -10.09 -2.06 -18.59
CA ASN A 37 -9.60 -2.83 -19.73
C ASN A 37 -10.70 -2.96 -20.77
N PRO A 38 -10.34 -2.93 -22.07
CA PRO A 38 -11.39 -3.05 -23.08
C PRO A 38 -12.01 -4.44 -23.18
N ASP A 39 -11.40 -5.47 -22.58
CA ASP A 39 -12.05 -6.76 -22.44
C ASP A 39 -12.96 -6.69 -21.24
N LYS A 40 -14.27 -6.82 -21.48
CA LYS A 40 -15.24 -6.66 -20.40
C LYS A 40 -15.04 -7.69 -19.27
N THR A 41 -14.56 -8.88 -19.60
N THR A 41 -14.58 -8.87 -19.60
CA THR A 41 -14.33 -9.88 -18.53
CA THR A 41 -14.35 -9.89 -18.58
C THR A 41 -13.17 -9.47 -17.64
C THR A 41 -13.16 -9.52 -17.68
N ILE A 42 -12.13 -8.91 -18.23
CA ILE A 42 -11.00 -8.41 -17.44
C ILE A 42 -11.45 -7.18 -16.62
N ALA A 43 -12.25 -6.32 -17.21
CA ALA A 43 -12.76 -5.17 -16.48
C ALA A 43 -13.57 -5.62 -15.25
N THR A 44 -14.38 -6.66 -15.39
CA THR A 44 -15.13 -7.19 -14.26
C THR A 44 -14.21 -7.68 -13.15
N GLU A 45 -13.15 -8.38 -13.52
CA GLU A 45 -12.18 -8.81 -12.53
CA GLU A 45 -12.14 -8.81 -12.54
C GLU A 45 -11.52 -7.60 -11.84
N GLY A 46 -11.23 -6.54 -12.60
CA GLY A 46 -10.66 -5.34 -12.00
C GLY A 46 -11.62 -4.69 -11.01
N ARG A 47 -12.91 -4.62 -11.32
CA ARG A 47 -13.87 -4.05 -10.38
C ARG A 47 -13.92 -4.86 -9.10
N LYS A 48 -13.93 -6.18 -9.22
N LYS A 48 -13.90 -6.18 -9.23
N LYS A 48 -13.92 -6.17 -9.22
CA LYS A 48 -13.91 -7.05 -8.03
CA LYS A 48 -13.88 -7.07 -8.05
CA LYS A 48 -13.92 -7.04 -8.05
C LYS A 48 -12.63 -6.86 -7.21
C LYS A 48 -12.63 -6.86 -7.21
C LYS A 48 -12.64 -6.86 -7.22
N ALA A 49 -11.50 -6.78 -7.89
CA ALA A 49 -10.22 -6.55 -7.19
C ALA A 49 -10.24 -5.23 -6.43
N LEU A 50 -10.75 -4.17 -7.06
CA LEU A 50 -10.83 -2.88 -6.39
C LEU A 50 -11.67 -2.98 -5.12
N ASP A 51 -12.81 -3.64 -5.17
CA ASP A 51 -13.62 -3.74 -3.96
CA ASP A 51 -13.66 -3.78 -3.98
C ASP A 51 -12.90 -4.47 -2.86
N ILE A 52 -12.14 -5.51 -3.23
CA ILE A 52 -11.34 -6.24 -2.23
C ILE A 52 -10.23 -5.36 -1.62
N ILE A 53 -9.39 -4.77 -2.48
CA ILE A 53 -8.21 -4.08 -1.95
C ILE A 53 -8.59 -2.77 -1.25
N HIS A 54 -9.75 -2.19 -1.61
CA HIS A 54 -10.19 -1.02 -0.90
C HIS A 54 -10.50 -1.29 0.57
N GLY A 55 -10.77 -2.56 0.91
CA GLY A 55 -10.93 -2.96 2.30
C GLY A 55 -9.64 -3.09 3.07
N PHE A 56 -8.49 -2.93 2.42
CA PHE A 56 -7.20 -3.12 3.07
C PHE A 56 -6.76 -1.81 3.72
N ASN A 57 -6.38 -1.88 5.01
CA ASN A 57 -5.94 -0.69 5.71
C ASN A 57 -4.88 -1.08 6.76
N ILE A 58 -4.13 -0.06 7.17
CA ILE A 58 -3.06 -0.22 8.13
C ILE A 58 -2.96 1.03 8.97
N THR A 59 -2.64 0.84 10.26
CA THR A 59 -2.47 1.94 11.19
C THR A 59 -1.12 1.76 11.88
N PHE A 60 -0.22 2.71 11.62
CA PHE A 60 1.08 2.74 12.27
C PHE A 60 0.97 3.55 13.57
N LYS A 61 1.46 2.99 14.66
CA LYS A 61 1.55 3.70 15.94
C LYS A 61 2.93 4.24 16.18
N ALA A 62 3.00 5.35 16.92
CA ALA A 62 4.29 5.99 17.21
C ALA A 62 5.20 5.13 18.08
N ASP A 63 4.66 4.09 18.72
CA ASP A 63 5.49 3.15 19.47
C ASP A 63 6.26 2.15 18.60
N GLY A 64 6.16 2.27 17.27
CA GLY A 64 6.86 1.35 16.38
C GLY A 64 6.14 0.05 16.08
N THR A 65 4.86 -0.03 16.44
CA THR A 65 4.03 -1.17 16.09
C THR A 65 3.01 -0.76 15.04
N PHE A 66 2.47 -1.75 14.36
CA PHE A 66 1.30 -1.52 13.48
C PHE A 66 0.34 -2.69 13.60
N THR A 67 -0.89 -2.37 13.20
CA THR A 67 -1.93 -3.35 12.95
C THR A 67 -2.61 -2.95 11.66
N GLY A 68 -3.33 -3.89 11.07
CA GLY A 68 -4.09 -3.59 9.84
C GLY A 68 -5.08 -4.68 9.58
N SER A 69 -5.83 -4.54 8.49
CA SER A 69 -6.91 -5.45 8.15
C SER A 69 -6.87 -5.75 6.67
N ILE A 70 -6.82 -7.04 6.32
CA ILE A 70 -6.86 -7.49 4.92
C ILE A 70 -7.83 -8.68 4.83
N GLN A 71 -7.83 -9.46 3.76
CA GLN A 71 -8.79 -10.53 3.71
C GLN A 71 -8.52 -11.51 4.86
N ASN A 72 -9.59 -12.01 5.46
CA ASN A 72 -9.53 -13.00 6.54
C ASN A 72 -9.05 -12.53 7.89
N GLY A 73 -8.67 -11.31 8.04
CA GLY A 73 -8.27 -10.87 9.37
C GLY A 73 -7.15 -9.85 9.39
N THR A 74 -6.55 -9.78 10.54
N THR A 74 -6.55 -9.80 10.57
CA THR A 74 -5.59 -8.75 10.81
CA THR A 74 -5.63 -8.76 10.99
C THR A 74 -4.17 -9.13 10.47
C THR A 74 -4.18 -9.09 10.57
N ILE A 75 -3.42 -8.06 10.17
CA ILE A 75 -1.95 -8.09 10.13
C ILE A 75 -1.45 -7.35 11.35
N GLU A 76 -0.27 -7.76 11.84
CA GLU A 76 0.40 -7.07 12.91
C GLU A 76 1.89 -7.10 12.67
N GLY A 77 2.60 -6.15 13.26
CA GLY A 77 4.06 -6.16 13.21
C GLY A 77 4.65 -4.91 13.77
N THR A 78 5.89 -4.66 13.35
CA THR A 78 6.63 -3.50 13.78
C THR A 78 7.14 -2.74 12.55
N TRP A 79 7.56 -1.50 12.79
CA TRP A 79 8.05 -0.66 11.73
C TRP A 79 9.01 0.34 12.27
N GLN A 80 9.94 0.73 11.39
N GLN A 80 9.96 0.72 11.41
CA GLN A 80 10.90 1.81 11.66
CA GLN A 80 10.80 1.90 11.65
C GLN A 80 11.03 2.65 10.40
C GLN A 80 10.97 2.67 10.38
N ALA A 81 11.24 3.95 10.53
CA ALA A 81 11.52 4.79 9.37
C ALA A 81 12.57 5.80 9.74
N ASP A 82 13.27 6.28 8.71
CA ASP A 82 14.31 7.28 8.86
C ASP A 82 13.95 8.47 8.00
N GLY A 83 13.66 9.61 8.63
CA GLY A 83 13.27 10.77 7.90
C GLY A 83 14.40 11.52 7.23
N LYS A 84 15.64 11.12 7.54
CA LYS A 84 16.80 11.76 6.94
C LYS A 84 17.00 11.32 5.50
N ASP A 85 16.62 10.08 5.20
CA ASP A 85 16.73 9.55 3.84
C ASP A 85 15.42 9.00 3.30
N ARG A 86 14.34 9.19 4.03
CA ARG A 86 13.01 8.70 3.63
C ARG A 86 12.99 7.21 3.32
N THR A 87 13.54 6.45 4.27
CA THR A 87 13.52 4.99 4.21
C THR A 87 12.62 4.41 5.29
N VAL A 88 12.19 3.15 5.06
CA VAL A 88 11.25 2.46 5.93
C VAL A 88 11.61 0.98 5.96
N ASN A 89 11.28 0.34 7.10
CA ASN A 89 11.46 -1.12 7.27
C ASN A 89 10.26 -1.63 8.04
N ILE A 90 9.39 -2.39 7.36
CA ILE A 90 8.22 -3.03 7.95
C ILE A 90 8.53 -4.49 8.20
N ASN A 91 8.03 -5.00 9.33
CA ASN A 91 8.28 -6.39 9.76
C ASN A 91 6.98 -6.98 10.20
N PHE A 92 6.56 -8.09 9.61
CA PHE A 92 5.30 -8.74 10.03
C PHE A 92 5.56 -9.76 11.14
N THR A 93 4.66 -9.74 12.13
CA THR A 93 4.58 -10.80 13.15
C THR A 93 3.34 -11.65 13.04
N LYS A 94 2.29 -11.15 12.37
N LYS A 94 2.29 -11.15 12.38
CA LYS A 94 1.06 -11.92 12.18
CA LYS A 94 1.06 -11.91 12.18
C LYS A 94 0.50 -11.58 10.83
C LYS A 94 0.49 -11.57 10.82
N THR A 95 0.11 -12.61 10.07
CA THR A 95 -0.66 -12.45 8.83
C THR A 95 -1.81 -13.45 8.87
N PRO A 96 -2.97 -13.09 8.30
CA PRO A 96 -4.15 -13.97 8.29
C PRO A 96 -4.03 -14.99 7.19
N PRO A 97 -4.94 -15.96 7.16
CA PRO A 97 -4.96 -16.93 6.11
C PRO A 97 -4.84 -16.29 4.72
N SER A 98 -3.93 -16.85 3.92
N SER A 98 -3.92 -16.85 3.94
CA SER A 98 -3.50 -16.22 2.68
CA SER A 98 -3.48 -16.24 2.70
C SER A 98 -4.58 -16.20 1.62
C SER A 98 -4.55 -16.21 1.61
N THR A 99 -4.45 -15.18 0.76
CA THR A 99 -5.25 -15.06 -0.47
C THR A 99 -4.30 -14.41 -1.49
N SER A 100 -4.70 -14.41 -2.75
N SER A 100 -4.68 -14.42 -2.76
CA SER A 100 -3.85 -13.83 -3.77
CA SER A 100 -3.84 -13.81 -3.79
C SER A 100 -3.60 -12.32 -3.50
C SER A 100 -3.59 -12.32 -3.52
N TYR A 101 -4.66 -11.58 -3.20
CA TYR A 101 -4.54 -10.16 -2.94
C TYR A 101 -3.79 -9.89 -1.65
N ASN A 102 -4.02 -10.71 -0.62
CA ASN A 102 -3.24 -10.55 0.61
C ASN A 102 -1.76 -10.70 0.33
N ASN A 103 -1.41 -11.71 -0.45
CA ASN A 103 0.00 -12.01 -0.72
C ASN A 103 0.64 -10.81 -1.45
N GLU A 104 -0.10 -10.21 -2.39
CA GLU A 104 0.40 -9.06 -3.11
C GLU A 104 0.65 -7.87 -2.16
N PHE A 105 -0.30 -7.64 -1.25
CA PHE A 105 -0.18 -6.55 -0.28
C PHE A 105 1.00 -6.77 0.67
N ILE A 106 1.06 -7.98 1.22
CA ILE A 106 2.12 -8.31 2.17
C ILE A 106 3.51 -8.21 1.51
N GLU A 107 3.62 -8.66 0.28
N GLU A 107 3.61 -8.68 0.27
CA GLU A 107 4.88 -8.55 -0.43
CA GLU A 107 4.86 -8.53 -0.50
C GLU A 107 5.25 -7.09 -0.66
C GLU A 107 5.25 -7.08 -0.68
N ALA A 108 4.30 -6.24 -1.05
CA ALA A 108 4.60 -4.82 -1.25
C ALA A 108 5.09 -4.19 0.04
N LEU A 109 4.45 -4.51 1.16
N LEU A 109 4.45 -4.50 1.16
CA LEU A 109 4.89 -3.93 2.42
CA LEU A 109 4.88 -3.92 2.43
C LEU A 109 6.22 -4.50 2.87
C LEU A 109 6.23 -4.49 2.87
N ASN A 110 6.43 -5.80 2.70
CA ASN A 110 7.69 -6.41 3.07
C ASN A 110 8.86 -5.90 2.25
N ASN A 111 8.62 -5.53 1.00
CA ASN A 111 9.71 -5.05 0.14
C ASN A 111 9.88 -3.55 0.21
N ALA A 112 8.98 -2.85 0.86
CA ALA A 112 9.07 -1.38 0.92
C ALA A 112 10.36 -0.97 1.61
N ILE A 113 11.06 -0.03 0.99
CA ILE A 113 12.24 0.56 1.60
C ILE A 113 12.27 2.06 1.50
N PHE A 114 11.55 2.67 0.54
CA PHE A 114 11.46 4.11 0.39
C PHE A 114 10.02 4.55 0.58
N TYR A 115 9.86 5.75 1.12
CA TYR A 115 8.53 6.34 1.19
C TYR A 115 8.53 7.78 0.76
N GLN A 116 7.34 8.26 0.39
CA GLN A 116 7.11 9.68 0.27
C GLN A 116 5.64 9.91 0.52
N GLY A 117 5.27 11.11 0.88
CA GLY A 117 3.87 11.43 1.01
C GLY A 117 3.62 12.74 1.64
N ASP A 118 2.34 12.96 1.96
N ASP A 118 2.35 12.95 2.00
CA ASP A 118 1.86 14.27 2.36
CA ASP A 118 1.85 14.25 2.38
C ASP A 118 0.62 14.07 3.24
C ASP A 118 0.56 14.12 3.19
N SER A 119 -0.12 15.12 3.55
N SER A 119 -0.22 15.18 3.31
CA SER A 119 -1.27 14.94 4.43
CA SER A 119 -1.46 15.16 4.10
C SER A 119 -2.38 14.06 3.79
C SER A 119 -2.42 14.09 3.62
N ASN A 120 -2.35 13.82 2.47
N ASN A 120 -2.41 13.80 2.32
CA ASN A 120 -3.39 13.01 1.80
CA ASN A 120 -3.42 12.99 1.69
C ASN A 120 -2.95 11.60 1.46
C ASN A 120 -2.96 11.60 1.39
N VAL A 121 -1.66 11.41 1.14
CA VAL A 121 -1.20 10.16 0.56
C VAL A 121 0.12 9.68 1.20
N LEU A 122 0.28 8.39 1.13
CA LEU A 122 1.52 7.68 1.51
C LEU A 122 1.85 6.72 0.40
N LEU A 123 3.08 6.80 -0.11
CA LEU A 123 3.58 5.89 -1.17
C LEU A 123 4.76 5.11 -0.61
N LEU A 124 4.74 3.79 -0.80
CA LEU A 124 5.82 2.92 -0.36
C LEU A 124 6.38 2.15 -1.55
N ALA A 125 7.70 2.24 -1.76
CA ALA A 125 8.36 1.63 -2.93
C ALA A 125 9.45 0.68 -2.49
N PRO A 126 9.68 -0.35 -3.29
N PRO A 126 9.65 -0.40 -3.28
CA PRO A 126 10.82 -1.25 -3.06
CA PRO A 126 10.82 -1.27 -3.09
C PRO A 126 12.12 -0.67 -3.64
C PRO A 126 12.12 -0.66 -3.63
N GLU A 127 13.21 -1.39 -3.39
CA GLU A 127 14.54 -0.86 -3.73
CA GLU A 127 14.56 -0.92 -3.75
C GLU A 127 14.72 -0.41 -5.17
N GLY A 128 14.12 -1.08 -6.09
CA GLY A 128 14.23 -0.69 -7.53
C GLY A 128 13.36 0.47 -7.96
N LYS A 129 12.42 0.90 -7.11
CA LYS A 129 11.57 2.05 -7.37
C LYS A 129 10.73 1.94 -8.64
N LYS A 130 10.43 0.71 -9.09
N LYS A 130 10.44 0.72 -9.09
CA LYS A 130 9.65 0.54 -10.31
CA LYS A 130 9.65 0.54 -10.32
C LYS A 130 8.16 0.47 -10.05
C LYS A 130 8.16 0.47 -10.05
N THR A 131 7.79 0.23 -8.79
CA THR A 131 6.40 0.08 -8.36
C THR A 131 6.27 0.81 -7.05
N TYR A 132 5.00 1.02 -6.65
CA TYR A 132 4.72 1.44 -5.27
C TYR A 132 3.29 1.08 -4.94
N ILE A 133 2.99 1.06 -3.65
CA ILE A 133 1.60 1.00 -3.17
C ILE A 133 1.29 2.40 -2.63
N GLN A 134 0.07 2.87 -2.90
N GLN A 134 0.09 2.89 -2.93
CA GLN A 134 -0.39 4.16 -2.43
CA GLN A 134 -0.35 4.17 -2.43
C GLN A 134 -1.58 4.00 -1.50
C GLN A 134 -1.55 4.01 -1.51
N PHE A 135 -1.55 4.78 -0.42
CA PHE A 135 -2.64 4.83 0.56
C PHE A 135 -3.17 6.27 0.69
N ALA A 136 -4.38 6.35 1.19
CA ALA A 136 -5.04 7.62 1.55
C ALA A 136 -5.65 7.49 2.95
N HIS A 137 -6.10 8.61 3.52
CA HIS A 137 -6.70 8.57 4.85
C HIS A 137 -8.21 8.34 4.86
N ASN A 138 -8.79 8.06 3.71
CA ASN A 138 -10.19 7.70 3.56
C ASN A 138 -10.30 6.42 2.79
N LYS A 139 -11.28 5.60 3.16
CA LYS A 139 -11.58 4.40 2.38
C LYS A 139 -12.06 4.77 1.01
N GLN A 140 -11.51 4.13 0.00
CA GLN A 140 -11.95 4.35 -1.37
C GLN A 140 -13.27 3.62 -1.60
N ASP A 141 -14.08 4.18 -2.50
CA ASP A 141 -15.46 3.71 -2.70
C ASP A 141 -15.98 3.95 -4.11
#